data_2CEY
#
_entry.id   2CEY
#
_cell.length_a   46.761
_cell.length_b   102.508
_cell.length_c   202.648
_cell.angle_alpha   90.00
_cell.angle_beta   90.00
_cell.angle_gamma   90.00
#
_symmetry.space_group_name_H-M   'I 2 2 2'
#
loop_
_entity.id
_entity.type
_entity.pdbx_description
1 polymer 'PROTEIN HI0146'
2 non-polymer 'ZINC ION'
3 water water
#
_entity_poly.entity_id   1
_entity_poly.type   'polypeptide(L)'
_entity_poly.pdbx_seq_one_letter_code
;ADYDLKFGMNAGTSSNEYKAAEMFAKEVKEKSQGKIEISLYPSSQLGDDRAMLKQLKDGSLDFTFAESARFQLFYPEAAV
FALPYVISNYNVAQKALFDTEFGKDLIKKMDKDLGVTLLSQAYNGTRQTTSNRAINSIADMKGLKLRVPNAATNLAYAKY
VGASPTPMAFSEVYLALQTNAVDGQENPLAAVQAQKFYEVQKFLAMTNHILNDQLYLVSNETYKELPEDLQKVVKDAAEN
AAKYHTKLFVDGEKDLVTFFEKQGVKITHPDLVPFKESMKPYYAEFVKQTGQKGESALKQIEAINP
;
_entity_poly.pdbx_strand_id   A
#
# COMPACT_ATOMS: atom_id res chain seq x y z
N ALA A 1 3.88 23.97 25.41
CA ALA A 1 2.54 24.60 25.23
C ALA A 1 2.48 25.37 23.91
N ASP A 2 2.93 24.67 22.85
CA ASP A 2 2.22 24.63 21.58
C ASP A 2 3.11 24.43 20.29
N TYR A 3 2.69 23.38 19.61
CA TYR A 3 3.29 22.91 18.38
C TYR A 3 2.09 22.77 17.43
N ASP A 4 2.11 23.53 16.34
CA ASP A 4 1.12 23.42 15.30
C ASP A 4 1.71 22.62 14.14
N LEU A 5 1.28 21.36 14.07
CA LEU A 5 1.87 20.41 13.14
C LEU A 5 0.90 20.07 12.00
N LYS A 6 1.47 19.59 10.90
CA LYS A 6 0.78 19.42 9.61
C LYS A 6 1.05 17.98 9.16
N PHE A 7 -0.02 17.29 8.75
CA PHE A 7 0.04 15.87 8.23
C PHE A 7 -0.56 15.85 6.84
N GLY A 8 0.32 15.69 5.85
CA GLY A 8 -0.12 15.68 4.44
C GLY A 8 -0.29 14.24 3.96
N MET A 9 -1.32 14.03 3.13
CA MET A 9 -1.55 12.75 2.46
C MET A 9 -2.14 12.88 1.07
N ASN A 10 -1.87 11.87 0.24
CA ASN A 10 -2.64 11.67 -1.02
C ASN A 10 -4.13 11.31 -0.83
N ALA A 11 -4.42 10.51 0.18
CA ALA A 11 -5.73 9.99 0.42
C ALA A 11 -6.76 11.12 0.66
N GLY A 12 -7.98 10.87 0.26
CA GLY A 12 -9.12 11.78 0.45
C GLY A 12 -9.80 11.69 1.81
N THR A 13 -10.71 12.62 2.05
CA THR A 13 -11.35 12.71 3.37
C THR A 13 -12.34 11.57 3.69
N SER A 14 -12.72 10.79 2.67
CA SER A 14 -13.59 9.65 2.90
C SER A 14 -12.80 8.34 3.09
N SER A 15 -11.47 8.40 3.00
CA SER A 15 -10.64 7.18 3.10
C SER A 15 -10.48 6.63 4.54
N ASN A 16 -10.17 5.34 4.63
CA ASN A 16 -9.64 4.75 5.87
C ASN A 16 -8.37 5.46 6.37
N GLU A 17 -7.44 5.78 5.48
CA GLU A 17 -6.19 6.47 5.85
C GLU A 17 -6.49 7.78 6.56
N TYR A 18 -7.43 8.53 6.00
CA TYR A 18 -7.85 9.82 6.58
C TYR A 18 -8.50 9.62 7.95
N LYS A 19 -9.36 8.62 8.06
CA LYS A 19 -10.05 8.34 9.32
C LYS A 19 -9.02 7.99 10.44
N ALA A 20 -8.01 7.24 10.07
CA ALA A 20 -6.97 6.81 11.01
C ALA A 20 -6.09 8.02 11.34
N ALA A 21 -5.83 8.88 10.34
CA ALA A 21 -5.04 10.10 10.57
C ALA A 21 -5.79 11.05 11.55
N GLU A 22 -7.15 11.05 11.51
CA GLU A 22 -7.97 11.85 12.43
C GLU A 22 -7.89 11.26 13.81
N MET A 23 -7.81 9.96 13.89
CA MET A 23 -7.67 9.29 15.20
C MET A 23 -6.33 9.67 15.82
N PHE A 24 -5.28 9.62 15.02
CA PHE A 24 -3.95 9.97 15.44
C PHE A 24 -3.92 11.41 15.97
N ALA A 25 -4.45 12.36 15.21
CA ALA A 25 -4.45 13.78 15.61
C ALA A 25 -5.20 13.99 16.95
N LYS A 26 -6.35 13.37 17.06
CA LYS A 26 -7.18 13.57 18.20
C LYS A 26 -6.43 13.02 19.40
N GLU A 27 -5.76 11.86 19.22
CA GLU A 27 -5.05 11.25 20.35
C GLU A 27 -3.86 12.12 20.77
N VAL A 28 -3.09 12.59 19.80
CA VAL A 28 -1.92 13.43 20.11
C VAL A 28 -2.36 14.72 20.87
N LYS A 29 -3.44 15.35 20.42
CA LYS A 29 -3.95 16.52 21.13
C LYS A 29 -4.38 16.22 22.57
N GLU A 30 -5.08 15.12 22.77
CA GLU A 30 -5.55 14.76 24.10
C GLU A 30 -4.40 14.42 25.06
N LYS A 31 -3.46 13.60 24.58
CA LYS A 31 -2.40 13.03 25.41
C LYS A 31 -1.30 14.03 25.63
N SER A 32 -1.16 15.01 24.72
CA SER A 32 -0.24 16.18 24.90
C SER A 32 -0.81 17.30 25.79
N GLN A 33 -1.99 17.05 26.33
CA GLN A 33 -2.77 18.01 27.08
C GLN A 33 -2.90 19.31 26.25
N GLY A 34 -3.15 19.14 24.95
CA GLY A 34 -3.46 20.25 24.08
C GLY A 34 -2.23 21.01 23.61
N LYS A 35 -1.04 20.56 24.00
CA LYS A 35 0.19 21.19 23.56
C LYS A 35 0.49 20.98 22.05
N ILE A 36 0.04 19.86 21.50
CA ILE A 36 0.29 19.54 20.08
C ILE A 36 -1.06 19.46 19.37
N GLU A 37 -1.17 20.19 18.26
CA GLU A 37 -2.33 20.16 17.40
C GLU A 37 -1.84 19.81 16.01
N ILE A 38 -2.43 18.77 15.45
CA ILE A 38 -2.07 18.29 14.10
C ILE A 38 -3.18 18.63 13.09
N SER A 39 -2.88 19.42 12.07
N SER A 39 -2.88 19.44 12.08
CA SER A 39 -3.88 19.73 11.05
CA SER A 39 -3.86 19.72 11.04
C SER A 39 -3.63 18.83 9.85
C SER A 39 -3.62 18.76 9.88
N LEU A 40 -4.71 18.35 9.23
CA LEU A 40 -4.64 17.34 8.15
C LEU A 40 -4.82 18.05 6.79
N TYR A 41 -4.02 17.61 5.82
CA TYR A 41 -3.97 18.16 4.46
C TYR A 41 -4.08 16.99 3.48
N PRO A 42 -5.34 16.56 3.24
CA PRO A 42 -5.67 15.39 2.45
C PRO A 42 -5.56 15.71 0.98
N SER A 43 -5.75 14.71 0.14
CA SER A 43 -5.87 14.88 -1.29
C SER A 43 -4.76 15.68 -1.92
N SER A 44 -3.53 15.56 -1.41
CA SER A 44 -2.35 16.24 -2.04
C SER A 44 -2.44 17.76 -2.06
N GLN A 45 -3.13 18.34 -1.07
CA GLN A 45 -3.21 19.79 -0.91
C GLN A 45 -1.81 20.39 -0.84
N LEU A 46 -0.83 19.62 -0.33
CA LEU A 46 0.56 20.11 -0.18
C LEU A 46 1.51 19.59 -1.26
N GLY A 47 1.03 18.70 -2.13
CA GLY A 47 1.80 18.14 -3.25
C GLY A 47 1.61 16.64 -3.32
N ASP A 48 2.30 15.98 -4.24
CA ASP A 48 2.35 14.51 -4.25
C ASP A 48 3.28 13.95 -3.17
N ASP A 49 3.31 12.62 -3.06
CA ASP A 49 4.10 11.96 -2.01
C ASP A 49 5.61 12.24 -2.13
N ARG A 50 6.15 12.29 -3.34
CA ARG A 50 7.57 12.64 -3.52
C ARG A 50 7.84 14.00 -2.91
N ALA A 51 6.94 14.94 -3.21
CA ALA A 51 7.06 16.32 -2.79
C ALA A 51 6.91 16.39 -1.26
N MET A 52 5.99 15.59 -0.72
CA MET A 52 5.73 15.60 0.70
C MET A 52 6.88 14.95 1.50
N LEU A 53 7.53 13.95 0.88
CA LEU A 53 8.74 13.33 1.45
C LEU A 53 9.88 14.29 1.52
N LYS A 54 10.04 15.06 0.45
CA LYS A 54 10.97 16.13 0.46
C LYS A 54 10.70 17.22 1.49
N GLN A 55 9.44 17.53 1.74
CA GLN A 55 9.06 18.48 2.80
C GLN A 55 9.37 17.94 4.18
N LEU A 56 9.18 16.64 4.39
CA LEU A 56 9.63 16.02 5.64
C LEU A 56 11.15 16.16 5.79
N LYS A 57 11.93 16.03 4.72
CA LYS A 57 13.37 16.00 4.84
C LYS A 57 13.75 17.41 5.28
N ASP A 58 13.17 18.41 4.62
CA ASP A 58 13.58 19.78 4.89
C ASP A 58 12.90 20.38 6.15
N GLY A 59 11.88 19.73 6.65
CA GLY A 59 11.24 20.16 7.86
C GLY A 59 9.98 21.00 7.70
N SER A 60 9.56 21.25 6.45
CA SER A 60 8.37 22.05 6.16
C SER A 60 7.04 21.35 6.23
N LEU A 61 7.05 20.01 6.31
CA LEU A 61 5.85 19.25 6.60
C LEU A 61 6.24 18.31 7.72
N ASP A 62 5.34 18.10 8.65
CA ASP A 62 5.66 17.29 9.83
C ASP A 62 5.44 15.80 9.67
N PHE A 63 4.29 15.41 9.12
CA PHE A 63 3.90 14.00 9.02
C PHE A 63 3.39 13.73 7.64
N THR A 64 3.61 12.50 7.15
CA THR A 64 3.01 12.03 5.92
C THR A 64 2.89 10.51 5.95
N PHE A 65 2.17 10.02 4.93
CA PHE A 65 2.00 8.58 4.67
C PHE A 65 2.88 8.20 3.50
N ALA A 66 3.54 7.06 3.58
CA ALA A 66 4.08 6.43 2.34
C ALA A 66 4.01 4.92 2.48
N GLU A 67 4.00 4.20 1.38
CA GLU A 67 4.09 2.74 1.50
C GLU A 67 5.57 2.35 1.44
N SER A 68 5.92 1.24 2.09
CA SER A 68 7.31 0.75 2.06
C SER A 68 7.92 0.66 0.64
N ALA A 69 7.15 0.18 -0.34
CA ALA A 69 7.62 -0.01 -1.79
C ALA A 69 8.01 1.31 -2.46
N ARG A 70 7.46 2.42 -1.95
CA ARG A 70 7.70 3.75 -2.53
C ARG A 70 9.19 4.20 -2.42
N PHE A 71 9.89 3.65 -1.43
CA PHE A 71 11.32 3.91 -1.21
C PHE A 71 12.24 3.29 -2.23
N GLN A 72 11.67 2.52 -3.16
CA GLN A 72 12.40 1.99 -4.29
C GLN A 72 12.90 3.19 -5.11
N LEU A 73 12.25 4.32 -4.93
CA LEU A 73 12.68 5.59 -5.50
C LEU A 73 14.06 5.95 -5.06
N PHE A 74 14.43 5.59 -3.83
CA PHE A 74 15.82 5.92 -3.39
C PHE A 74 16.71 4.69 -3.41
N TYR A 75 16.15 3.53 -3.08
CA TYR A 75 16.94 2.31 -2.97
C TYR A 75 16.27 1.28 -3.85
N PRO A 76 16.73 1.07 -5.09
CA PRO A 76 15.92 0.19 -5.96
C PRO A 76 15.42 -1.18 -5.38
N GLU A 77 16.22 -1.79 -4.51
CA GLU A 77 15.87 -3.06 -3.88
C GLU A 77 14.61 -3.01 -3.05
N ALA A 78 14.17 -1.82 -2.63
CA ALA A 78 12.94 -1.73 -1.84
C ALA A 78 11.62 -2.01 -2.62
N ALA A 79 11.73 -2.07 -3.94
CA ALA A 79 10.70 -2.64 -4.80
C ALA A 79 10.31 -4.06 -4.37
N VAL A 80 11.21 -4.79 -3.69
CA VAL A 80 10.83 -6.16 -3.16
C VAL A 80 9.47 -6.17 -2.51
N PHE A 81 9.09 -5.06 -1.83
CA PHE A 81 7.80 -4.98 -1.10
C PHE A 81 6.52 -5.12 -1.94
N ALA A 82 6.59 -4.77 -3.23
CA ALA A 82 5.45 -4.83 -4.13
C ALA A 82 5.62 -5.80 -5.31
N LEU A 83 6.60 -6.72 -5.22
CA LEU A 83 6.82 -7.76 -6.22
C LEU A 83 5.69 -8.76 -6.11
N PRO A 84 5.10 -9.11 -7.25
CA PRO A 84 3.92 -9.96 -7.07
C PRO A 84 4.28 -11.32 -6.47
N TYR A 85 3.49 -11.68 -5.47
CA TYR A 85 3.60 -12.94 -4.70
C TYR A 85 4.74 -13.05 -3.71
N VAL A 86 5.60 -12.03 -3.62
CA VAL A 86 6.71 -12.05 -2.66
C VAL A 86 6.20 -11.88 -1.21
N ILE A 87 5.20 -11.01 -1.04
CA ILE A 87 4.66 -10.71 0.28
C ILE A 87 3.29 -11.43 0.42
N SER A 88 3.26 -12.64 0.99
CA SER A 88 2.09 -13.55 1.01
C SER A 88 0.88 -12.99 1.71
N ASN A 89 1.15 -12.25 2.79
CA ASN A 89 0.13 -11.67 3.62
C ASN A 89 0.67 -10.51 4.49
N TYR A 90 -0.18 -9.87 5.29
CA TYR A 90 0.28 -8.65 6.03
C TYR A 90 1.38 -8.99 7.09
N ASN A 91 1.28 -10.13 7.75
CA ASN A 91 2.33 -10.61 8.64
C ASN A 91 3.69 -10.63 7.95
N VAL A 92 3.71 -11.21 6.76
CA VAL A 92 5.00 -11.14 6.02
C VAL A 92 5.45 -9.71 5.83
N ALA A 93 4.56 -8.79 5.44
CA ALA A 93 4.94 -7.39 5.24
C ALA A 93 5.52 -6.72 6.51
N GLN A 94 4.92 -7.03 7.66
CA GLN A 94 5.45 -6.54 8.94
C GLN A 94 6.83 -7.13 9.31
N LYS A 95 7.00 -8.42 9.11
CA LYS A 95 8.30 -9.06 9.43
C LYS A 95 9.38 -8.65 8.45
N ALA A 96 8.97 -8.50 7.18
CA ALA A 96 9.88 -7.94 6.19
C ALA A 96 10.46 -6.60 6.57
N LEU A 97 9.65 -5.69 7.05
CA LEU A 97 10.10 -4.37 7.40
C LEU A 97 10.88 -4.30 8.72
N PHE A 98 10.39 -4.98 9.73
CA PHE A 98 10.92 -4.83 11.08
C PHE A 98 11.80 -5.98 11.56
N ASP A 99 11.73 -7.13 10.90
CA ASP A 99 12.42 -8.30 11.39
C ASP A 99 13.42 -8.90 10.40
N THR A 100 13.79 -8.18 9.35
CA THR A 100 14.91 -8.60 8.49
C THR A 100 16.02 -7.54 8.60
N GLU A 101 17.27 -7.93 8.34
CA GLU A 101 18.40 -6.97 8.27
C GLU A 101 18.07 -5.94 7.19
N PHE A 102 17.55 -6.41 6.05
CA PHE A 102 17.15 -5.53 4.96
C PHE A 102 16.18 -4.42 5.46
N GLY A 103 15.12 -4.85 6.14
CA GLY A 103 14.11 -3.94 6.63
C GLY A 103 14.66 -2.93 7.63
N LYS A 104 15.43 -3.43 8.59
CA LYS A 104 16.00 -2.61 9.61
C LYS A 104 16.91 -1.55 9.04
N ASP A 105 17.71 -1.96 8.07
CA ASP A 105 18.60 -1.07 7.42
C ASP A 105 17.91 -0.03 6.57
N LEU A 106 16.84 -0.42 5.97
CA LEU A 106 16.00 0.53 5.22
C LEU A 106 15.49 1.63 6.16
N ILE A 107 14.97 1.21 7.32
CA ILE A 107 14.52 2.12 8.35
C ILE A 107 15.60 3.08 8.80
N LYS A 108 16.83 2.57 8.95
CA LYS A 108 17.92 3.42 9.34
C LYS A 108 18.24 4.43 8.26
N LYS A 109 18.22 4.00 6.99
CA LYS A 109 18.41 4.88 5.84
C LYS A 109 17.39 6.02 5.73
N MET A 110 16.12 5.70 5.92
CA MET A 110 15.03 6.72 5.98
C MET A 110 15.35 7.82 7.00
N ASP A 111 15.82 7.38 8.16
CA ASP A 111 16.32 8.30 9.20
C ASP A 111 17.56 9.11 8.78
N LYS A 112 18.65 8.42 8.43
CA LYS A 112 19.88 9.07 8.18
C LYS A 112 19.96 9.79 6.86
N ASP A 113 19.53 9.15 5.77
CA ASP A 113 19.62 9.77 4.44
C ASP A 113 18.43 10.69 4.15
N LEU A 114 17.22 10.30 4.56
CA LEU A 114 15.98 10.95 4.13
C LEU A 114 15.32 11.83 5.21
N GLY A 115 15.80 11.77 6.46
CA GLY A 115 15.39 12.74 7.50
C GLY A 115 14.03 12.35 8.00
N VAL A 116 13.72 11.07 7.87
CA VAL A 116 12.39 10.61 8.24
C VAL A 116 12.44 9.55 9.33
N THR A 117 11.60 9.67 10.36
CA THR A 117 11.45 8.62 11.38
C THR A 117 10.15 7.84 11.13
N LEU A 118 10.30 6.55 10.94
CA LEU A 118 9.16 5.62 10.79
C LEU A 118 8.51 5.31 12.15
N LEU A 119 7.28 5.78 12.37
CA LEU A 119 6.67 5.72 13.72
C LEU A 119 5.88 4.42 13.80
N SER A 120 5.26 4.08 12.68
CA SER A 120 4.43 2.86 12.60
C SER A 120 4.10 2.45 11.17
N GLN A 121 3.68 1.18 11.06
CA GLN A 121 3.24 0.57 9.84
C GLN A 121 1.81 -0.01 10.02
N ALA A 122 0.96 0.35 9.05
CA ALA A 122 -0.41 -0.24 8.92
C ALA A 122 -0.63 -1.07 7.62
N TYR A 123 -1.63 -1.94 7.63
CA TYR A 123 -2.12 -2.60 6.46
C TYR A 123 -3.06 -1.70 5.65
N ASN A 124 -2.82 -1.64 4.33
CA ASN A 124 -3.60 -0.80 3.46
C ASN A 124 -4.31 -1.55 2.33
N GLY A 125 -4.64 -2.83 2.55
CA GLY A 125 -5.42 -3.57 1.62
C GLY A 125 -4.56 -4.38 0.69
N THR A 126 -5.16 -5.44 0.15
CA THR A 126 -4.53 -6.30 -0.85
C THR A 126 -5.19 -6.14 -2.21
N ARG A 127 -4.39 -6.19 -3.28
CA ARG A 127 -4.95 -6.03 -4.62
C ARG A 127 -5.53 -7.35 -5.03
N GLN A 128 -6.70 -7.26 -5.67
CA GLN A 128 -7.47 -8.42 -6.18
C GLN A 128 -7.84 -8.17 -7.69
N THR A 129 -8.36 -9.20 -8.38
CA THR A 129 -8.64 -9.10 -9.83
C THR A 129 -10.15 -9.32 -10.06
N THR A 130 -10.80 -8.33 -10.64
CA THR A 130 -12.17 -8.50 -11.07
C THR A 130 -12.14 -8.82 -12.55
N SER A 131 -13.26 -9.35 -13.04
CA SER A 131 -13.35 -9.71 -14.43
C SER A 131 -14.76 -9.97 -14.91
N ASN A 132 -14.88 -10.15 -16.22
CA ASN A 132 -16.21 -10.44 -16.83
C ASN A 132 -16.42 -11.93 -17.10
N ARG A 133 -15.44 -12.73 -16.66
CA ARG A 133 -15.61 -14.17 -16.68
C ARG A 133 -14.84 -14.78 -15.50
N ALA A 134 -15.28 -15.92 -15.02
CA ALA A 134 -14.68 -16.51 -13.81
C ALA A 134 -13.19 -16.89 -13.95
N ILE A 135 -12.40 -16.51 -12.94
CA ILE A 135 -11.00 -16.93 -12.78
C ILE A 135 -11.01 -18.12 -11.82
N ASN A 136 -11.08 -19.35 -12.39
CA ASN A 136 -11.14 -20.56 -11.55
C ASN A 136 -9.73 -21.06 -11.31
N SER A 137 -8.81 -20.74 -12.23
CA SER A 137 -7.43 -21.12 -12.01
C SER A 137 -6.62 -20.22 -12.95
N ILE A 138 -5.31 -20.32 -12.90
CA ILE A 138 -4.44 -19.51 -13.76
C ILE A 138 -4.68 -19.64 -15.27
N ALA A 139 -5.19 -20.79 -15.71
CA ALA A 139 -5.61 -21.00 -17.12
C ALA A 139 -6.55 -19.86 -17.60
N ASP A 140 -7.39 -19.36 -16.74
CA ASP A 140 -8.38 -18.37 -17.13
C ASP A 140 -7.81 -17.02 -17.37
N MET A 141 -6.61 -16.76 -16.87
CA MET A 141 -5.91 -15.51 -17.19
C MET A 141 -5.54 -15.34 -18.65
N LYS A 142 -5.30 -16.43 -19.39
CA LYS A 142 -4.95 -16.31 -20.81
C LYS A 142 -5.98 -15.49 -21.54
N GLY A 143 -5.51 -14.52 -22.33
CA GLY A 143 -6.42 -13.74 -23.16
C GLY A 143 -7.17 -12.63 -22.44
N LEU A 144 -7.12 -12.61 -21.11
CA LEU A 144 -7.79 -11.59 -20.31
C LEU A 144 -7.10 -10.22 -20.46
N LYS A 145 -7.88 -9.27 -20.98
CA LYS A 145 -7.41 -7.92 -21.19
C LYS A 145 -7.58 -7.28 -19.82
N LEU A 146 -6.45 -7.13 -19.15
CA LEU A 146 -6.45 -6.81 -17.73
C LEU A 146 -5.87 -5.43 -17.59
N ARG A 147 -6.70 -4.49 -17.16
CA ARG A 147 -6.28 -3.12 -16.99
C ARG A 147 -5.42 -3.02 -15.73
N VAL A 148 -4.29 -2.36 -15.86
CA VAL A 148 -3.35 -2.18 -14.76
C VAL A 148 -2.92 -0.71 -14.80
N PRO A 149 -2.53 -0.14 -13.65
CA PRO A 149 -1.92 1.18 -13.71
C PRO A 149 -0.57 1.10 -14.46
N ASN A 150 -0.03 2.24 -14.88
CA ASN A 150 1.30 2.25 -15.51
C ASN A 150 2.42 2.15 -14.46
N ALA A 151 2.48 0.99 -13.81
CA ALA A 151 3.48 0.66 -12.82
C ALA A 151 4.06 -0.72 -13.16
N ALA A 152 5.38 -0.80 -13.09
CA ALA A 152 6.08 -1.95 -13.59
C ALA A 152 5.68 -3.22 -12.94
N THR A 153 5.40 -3.18 -11.63
CA THR A 153 5.04 -4.36 -10.90
C THR A 153 3.66 -4.93 -11.32
N ASN A 154 2.72 -4.02 -11.60
CA ASN A 154 1.37 -4.41 -12.00
C ASN A 154 1.36 -4.97 -13.41
N LEU A 155 2.11 -4.34 -14.30
CA LEU A 155 2.34 -4.86 -15.66
C LEU A 155 2.99 -6.26 -15.62
N ALA A 156 4.09 -6.40 -14.87
CA ALA A 156 4.69 -7.73 -14.64
C ALA A 156 3.63 -8.76 -14.15
N TYR A 157 2.79 -8.42 -13.17
CA TYR A 157 1.74 -9.35 -12.69
C TYR A 157 0.89 -9.90 -13.87
N ALA A 158 0.29 -8.97 -14.62
CA ALA A 158 -0.59 -9.23 -15.75
C ALA A 158 0.18 -10.07 -16.76
N LYS A 159 1.41 -9.67 -17.05
CA LYS A 159 2.22 -10.38 -18.04
C LYS A 159 2.46 -11.83 -17.61
N TYR A 160 3.06 -12.02 -16.44
CA TYR A 160 3.67 -13.33 -16.12
C TYR A 160 2.63 -14.36 -15.74
N VAL A 161 1.47 -13.93 -15.27
CA VAL A 161 0.35 -14.88 -15.04
C VAL A 161 -0.38 -15.27 -16.34
N GLY A 162 -0.02 -14.61 -17.44
CA GLY A 162 -0.49 -14.94 -18.81
C GLY A 162 -1.58 -14.03 -19.37
N ALA A 163 -1.98 -12.99 -18.61
CA ALA A 163 -2.99 -12.05 -19.09
C ALA A 163 -2.46 -11.07 -20.14
N SER A 164 -3.33 -10.28 -20.75
CA SER A 164 -2.84 -9.23 -21.66
C SER A 164 -2.92 -7.91 -20.89
N PRO A 165 -1.76 -7.42 -20.42
CA PRO A 165 -1.81 -6.18 -19.67
C PRO A 165 -2.26 -5.04 -20.56
N THR A 166 -3.10 -4.18 -20.01
CA THR A 166 -3.76 -3.13 -20.76
C THR A 166 -3.74 -1.85 -19.93
N PRO A 167 -2.72 -1.00 -20.14
CA PRO A 167 -2.71 0.30 -19.44
C PRO A 167 -3.74 1.28 -20.02
N MET A 168 -4.48 1.95 -19.13
CA MET A 168 -5.59 2.81 -19.54
C MET A 168 -5.84 3.92 -18.53
N ALA A 169 -6.29 5.10 -18.99
CA ALA A 169 -6.64 6.21 -18.09
C ALA A 169 -7.64 5.72 -17.05
N PHE A 170 -7.41 6.01 -15.77
CA PHE A 170 -8.27 5.46 -14.70
C PHE A 170 -9.75 5.86 -14.87
N SER A 171 -9.98 7.07 -15.39
CA SER A 171 -11.32 7.55 -15.70
C SER A 171 -12.05 6.67 -16.71
N GLU A 172 -11.31 6.17 -17.70
CA GLU A 172 -11.89 5.44 -18.83
C GLU A 172 -12.30 4.01 -18.48
N VAL A 173 -11.85 3.51 -17.33
CA VAL A 173 -11.97 2.09 -16.98
C VAL A 173 -13.41 1.57 -16.87
N TYR A 174 -14.27 2.28 -16.14
CA TYR A 174 -15.66 1.85 -15.93
C TYR A 174 -16.39 1.53 -17.24
N LEU A 175 -16.29 2.42 -18.22
CA LEU A 175 -16.94 2.22 -19.51
C LEU A 175 -16.24 1.21 -20.44
N ALA A 176 -14.90 1.15 -20.38
CA ALA A 176 -14.14 0.04 -21.00
C ALA A 176 -14.59 -1.35 -20.49
N LEU A 177 -14.81 -1.44 -19.19
CA LEU A 177 -15.31 -2.68 -18.59
C LEU A 177 -16.75 -2.94 -19.01
N GLN A 178 -17.58 -1.89 -19.02
CA GLN A 178 -19.01 -2.05 -19.36
C GLN A 178 -19.26 -2.57 -20.78
N THR A 179 -18.39 -2.18 -21.72
CA THR A 179 -18.55 -2.53 -23.14
C THR A 179 -17.59 -3.69 -23.52
N ASN A 180 -16.94 -4.25 -22.50
CA ASN A 180 -16.01 -5.37 -22.68
C ASN A 180 -14.84 -5.05 -23.61
N ALA A 181 -14.44 -3.79 -23.67
CA ALA A 181 -13.21 -3.42 -24.37
C ALA A 181 -12.03 -3.92 -23.55
N VAL A 182 -12.24 -3.92 -22.24
CA VAL A 182 -11.32 -4.54 -21.31
C VAL A 182 -12.11 -5.58 -20.51
N ASP A 183 -11.45 -6.69 -20.17
CA ASP A 183 -12.12 -7.83 -19.50
C ASP A 183 -12.05 -7.77 -18.00
N GLY A 184 -11.00 -7.14 -17.49
CA GLY A 184 -10.86 -7.07 -16.05
C GLY A 184 -9.94 -5.97 -15.60
N GLN A 185 -9.91 -5.83 -14.28
CA GLN A 185 -8.99 -4.95 -13.62
C GLN A 185 -8.55 -5.47 -12.27
N GLU A 186 -7.57 -4.78 -11.74
CA GLU A 186 -6.66 -5.24 -10.72
C GLU A 186 -6.49 -3.98 -9.81
N ASN A 187 -6.91 -4.09 -8.56
CA ASN A 187 -6.99 -2.96 -7.63
C ASN A 187 -7.42 -3.48 -6.28
N PRO A 188 -7.25 -2.66 -5.22
CA PRO A 188 -7.84 -3.13 -3.95
C PRO A 188 -9.38 -3.00 -3.99
N LEU A 189 -10.04 -3.70 -3.09
CA LEU A 189 -11.47 -3.69 -3.00
C LEU A 189 -12.09 -2.27 -2.78
N ALA A 190 -11.39 -1.42 -2.02
CA ALA A 190 -11.85 -0.06 -1.73
C ALA A 190 -12.10 0.66 -3.04
N ALA A 191 -11.23 0.37 -4.01
CA ALA A 191 -11.33 0.99 -5.33
C ALA A 191 -12.47 0.45 -6.18
N VAL A 192 -12.70 -0.87 -6.08
CA VAL A 192 -13.84 -1.51 -6.74
C VAL A 192 -15.18 -0.87 -6.27
N GLN A 193 -15.25 -0.65 -4.97
CA GLN A 193 -16.34 0.10 -4.36
C GLN A 193 -16.39 1.52 -4.86
N ALA A 194 -15.28 2.25 -4.69
CA ALA A 194 -15.23 3.68 -4.99
C ALA A 194 -15.68 3.94 -6.43
N GLN A 195 -15.28 3.05 -7.33
CA GLN A 195 -15.50 3.25 -8.76
C GLN A 195 -16.72 2.48 -9.26
N LYS A 196 -17.42 1.85 -8.33
CA LYS A 196 -18.54 0.96 -8.61
C LYS A 196 -18.27 -0.01 -9.74
N PHE A 197 -17.06 -0.57 -9.79
CA PHE A 197 -16.75 -1.63 -10.75
C PHE A 197 -17.61 -2.87 -10.54
N TYR A 198 -18.16 -3.05 -9.35
CA TYR A 198 -19.13 -4.13 -9.12
C TYR A 198 -20.36 -4.11 -10.01
N GLU A 199 -20.65 -2.95 -10.62
CA GLU A 199 -21.74 -2.77 -11.55
C GLU A 199 -21.43 -3.36 -12.92
N VAL A 200 -20.14 -3.39 -13.27
CA VAL A 200 -19.68 -3.74 -14.62
C VAL A 200 -18.68 -4.94 -14.62
N GLN A 201 -18.62 -5.65 -13.50
CA GLN A 201 -17.77 -6.82 -13.32
C GLN A 201 -18.51 -7.80 -12.47
N LYS A 202 -18.89 -8.97 -12.98
CA LYS A 202 -19.62 -9.93 -12.12
C LYS A 202 -18.81 -11.07 -11.50
N PHE A 203 -17.47 -10.95 -11.60
CA PHE A 203 -16.51 -11.89 -11.07
C PHE A 203 -15.38 -11.17 -10.32
N LEU A 204 -15.04 -11.71 -9.15
CA LEU A 204 -13.87 -11.26 -8.42
C LEU A 204 -13.11 -12.44 -7.92
N ALA A 205 -11.79 -12.40 -8.10
CA ALA A 205 -10.91 -13.50 -7.73
C ALA A 205 -9.89 -13.02 -6.69
N MET A 206 -9.73 -13.80 -5.62
CA MET A 206 -8.84 -13.49 -4.54
C MET A 206 -7.47 -13.89 -5.00
N THR A 207 -6.89 -13.04 -5.82
CA THR A 207 -5.59 -13.32 -6.33
C THR A 207 -4.43 -12.85 -5.41
N ASN A 208 -4.71 -12.00 -4.43
CA ASN A 208 -3.73 -11.62 -3.37
C ASN A 208 -2.36 -11.36 -3.89
N HIS A 209 -2.28 -10.64 -5.00
CA HIS A 209 -1.07 -10.61 -5.80
C HIS A 209 -0.05 -9.55 -5.32
N ILE A 210 -0.53 -8.41 -4.83
CA ILE A 210 0.28 -7.29 -4.35
C ILE A 210 -0.42 -6.78 -3.09
N LEU A 211 0.37 -6.59 -2.04
CA LEU A 211 -0.20 -6.18 -0.74
C LEU A 211 0.32 -4.78 -0.47
N ASN A 212 -0.56 -3.89 0.01
CA ASN A 212 -0.15 -2.52 0.28
C ASN A 212 -0.12 -2.24 1.76
N ASP A 213 0.95 -1.62 2.20
CA ASP A 213 1.05 -1.05 3.54
C ASP A 213 0.96 0.46 3.51
N GLN A 214 0.98 1.06 4.69
CA GLN A 214 1.11 2.50 4.83
C GLN A 214 1.91 2.83 6.09
N LEU A 215 2.92 3.63 5.90
CA LEU A 215 3.80 4.06 6.93
C LEU A 215 3.49 5.50 7.44
N TYR A 216 3.41 5.61 8.77
CA TYR A 216 3.30 6.88 9.52
C TYR A 216 4.68 7.47 9.74
N LEU A 217 5.04 8.47 8.92
CA LEU A 217 6.33 9.04 8.92
C LEU A 217 6.29 10.43 9.53
N VAL A 218 7.32 10.74 10.30
CA VAL A 218 7.54 12.11 10.84
C VAL A 218 8.87 12.67 10.43
N SER A 219 8.87 13.99 10.22
CA SER A 219 10.10 14.72 9.98
C SER A 219 11.01 14.65 11.22
N ASN A 220 12.29 14.30 10.99
CA ASN A 220 13.34 14.41 12.02
C ASN A 220 13.45 15.83 12.63
N GLU A 221 13.43 16.86 11.78
CA GLU A 221 13.44 18.23 12.21
C GLU A 221 12.33 18.65 13.20
N THR A 222 11.22 17.94 13.20
CA THR A 222 10.16 18.15 14.12
C THR A 222 10.36 17.17 15.29
N TYR A 223 10.36 15.90 14.98
CA TYR A 223 10.33 14.86 15.99
C TYR A 223 11.49 14.86 16.98
N LYS A 224 12.70 15.03 16.44
CA LYS A 224 13.90 14.98 17.26
C LYS A 224 14.07 16.22 18.14
N GLU A 225 13.34 17.28 17.82
CA GLU A 225 13.30 18.50 18.62
C GLU A 225 12.18 18.59 19.67
N LEU A 226 11.25 17.64 19.66
CA LEU A 226 10.20 17.55 20.66
C LEU A 226 10.79 16.99 21.97
N PRO A 227 10.25 17.46 23.12
CA PRO A 227 10.59 16.89 24.43
C PRO A 227 10.34 15.37 24.45
N GLU A 228 11.19 14.60 25.14
CA GLU A 228 11.08 13.15 25.14
C GLU A 228 9.63 12.72 25.48
N ASP A 229 8.97 13.40 26.41
CA ASP A 229 7.57 13.01 26.73
C ASP A 229 6.59 13.19 25.55
N LEU A 230 6.75 14.27 24.76
CA LEU A 230 5.91 14.49 23.56
C LEU A 230 6.29 13.50 22.42
N GLN A 231 7.56 13.19 22.25
CA GLN A 231 7.97 12.13 21.34
C GLN A 231 7.17 10.85 21.61
N LYS A 232 7.06 10.48 22.88
CA LYS A 232 6.37 9.26 23.29
C LYS A 232 4.88 9.35 22.94
N VAL A 233 4.28 10.52 23.18
CA VAL A 233 2.89 10.75 22.83
C VAL A 233 2.65 10.53 21.34
N VAL A 234 3.55 11.07 20.53
CA VAL A 234 3.46 10.98 19.07
C VAL A 234 3.62 9.48 18.66
N LYS A 235 4.59 8.79 19.25
CA LYS A 235 4.95 7.46 18.83
C LYS A 235 3.82 6.55 19.26
N ASP A 236 3.40 6.70 20.50
CA ASP A 236 2.27 5.89 21.01
C ASP A 236 0.97 6.02 20.16
N ALA A 237 0.63 7.26 19.85
CA ALA A 237 -0.51 7.58 19.04
C ALA A 237 -0.43 6.96 17.63
N ALA A 238 0.74 7.07 17.00
CA ALA A 238 0.99 6.46 15.69
C ALA A 238 0.80 4.95 15.68
N GLU A 239 1.30 4.29 16.73
CA GLU A 239 1.13 2.84 16.91
C GLU A 239 -0.34 2.47 17.08
N ASN A 240 -1.02 3.24 17.92
CA ASN A 240 -2.46 3.06 18.16
C ASN A 240 -3.24 3.30 16.86
N ALA A 241 -2.96 4.41 16.18
CA ALA A 241 -3.61 4.71 14.91
C ALA A 241 -3.37 3.60 13.84
N ALA A 242 -2.17 3.03 13.78
CA ALA A 242 -1.80 2.07 12.74
C ALA A 242 -2.62 0.80 12.97
N LYS A 243 -2.77 0.42 14.22
CA LYS A 243 -3.59 -0.74 14.52
C LYS A 243 -5.09 -0.56 14.15
N TYR A 244 -5.60 0.63 14.34
CA TYR A 244 -6.93 1.00 13.91
C TYR A 244 -7.08 0.96 12.37
N HIS A 245 -6.09 1.57 11.72
CA HIS A 245 -5.94 1.70 10.25
C HIS A 245 -6.05 0.27 9.64
N THR A 246 -5.33 -0.69 10.26
CA THR A 246 -5.28 -2.06 9.84
C THR A 246 -6.62 -2.72 9.91
N LYS A 247 -7.27 -2.57 11.06
CA LYS A 247 -8.57 -3.11 11.29
C LYS A 247 -9.62 -2.55 10.34
N LEU A 248 -9.56 -1.25 10.01
CA LEU A 248 -10.48 -0.66 9.02
C LEU A 248 -10.33 -1.41 7.65
N PHE A 249 -9.10 -1.74 7.29
CA PHE A 249 -8.91 -2.46 6.02
C PHE A 249 -9.36 -3.90 6.07
N VAL A 250 -9.04 -4.58 7.18
CA VAL A 250 -9.27 -5.97 7.31
C VAL A 250 -10.78 -6.17 7.33
N ASP A 251 -11.45 -5.39 8.18
CA ASP A 251 -12.88 -5.43 8.28
C ASP A 251 -13.57 -4.94 7.01
N GLY A 252 -13.08 -3.85 6.45
CA GLY A 252 -13.66 -3.33 5.22
C GLY A 252 -13.65 -4.32 4.09
N GLU A 253 -12.61 -5.14 4.04
CA GLU A 253 -12.46 -6.11 2.96
C GLU A 253 -13.44 -7.18 3.12
N LYS A 254 -13.66 -7.63 4.36
CA LYS A 254 -14.68 -8.63 4.58
C LYS A 254 -16.10 -8.10 4.27
N ASP A 255 -16.43 -6.94 4.83
CA ASP A 255 -17.69 -6.27 4.50
C ASP A 255 -17.93 -6.13 2.99
N LEU A 256 -16.89 -5.78 2.27
CA LEU A 256 -17.05 -5.54 0.87
C LEU A 256 -17.28 -6.79 0.04
N VAL A 257 -16.62 -7.89 0.42
CA VAL A 257 -16.92 -9.16 -0.23
C VAL A 257 -18.38 -9.47 -0.10
N THR A 258 -18.93 -9.34 1.10
CA THR A 258 -20.33 -9.56 1.29
C THR A 258 -21.29 -8.64 0.50
N PHE A 259 -20.96 -7.36 0.44
CA PHE A 259 -21.75 -6.36 -0.26
C PHE A 259 -21.69 -6.64 -1.78
N PHE A 260 -20.51 -6.92 -2.28
CA PHE A 260 -20.32 -7.25 -3.72
C PHE A 260 -21.17 -8.43 -4.17
N GLU A 261 -21.16 -9.47 -3.35
CA GLU A 261 -22.02 -10.61 -3.56
C GLU A 261 -23.52 -10.18 -3.60
N LYS A 262 -23.93 -9.32 -2.68
CA LYS A 262 -25.25 -8.71 -2.71
C LYS A 262 -25.58 -8.04 -4.06
N GLN A 263 -24.57 -7.42 -4.66
CA GLN A 263 -24.66 -6.79 -5.97
C GLN A 263 -24.52 -7.73 -7.16
N GLY A 264 -24.44 -9.04 -6.91
CA GLY A 264 -24.42 -10.00 -7.98
C GLY A 264 -23.06 -10.51 -8.38
N VAL A 265 -22.00 -10.10 -7.65
CA VAL A 265 -20.64 -10.49 -8.02
C VAL A 265 -20.41 -11.87 -7.45
N LYS A 266 -19.75 -12.70 -8.23
CA LYS A 266 -19.41 -14.03 -7.77
C LYS A 266 -17.90 -14.05 -7.46
N ILE A 267 -17.56 -14.57 -6.29
CA ILE A 267 -16.19 -14.63 -5.82
C ILE A 267 -15.56 -16.00 -6.04
N THR A 268 -14.34 -16.01 -6.53
CA THR A 268 -13.52 -17.21 -6.48
C THR A 268 -12.18 -17.07 -5.67
N HIS A 269 -11.64 -18.24 -5.32
CA HIS A 269 -10.44 -18.41 -4.46
C HIS A 269 -9.50 -19.38 -5.16
N PRO A 270 -8.94 -18.97 -6.28
CA PRO A 270 -8.13 -19.82 -7.17
C PRO A 270 -6.79 -20.20 -6.53
N ASP A 271 -6.31 -21.36 -6.88
CA ASP A 271 -5.04 -21.87 -6.41
C ASP A 271 -3.89 -20.97 -6.91
N LEU A 272 -3.24 -20.31 -5.94
CA LEU A 272 -2.20 -19.30 -6.24
C LEU A 272 -0.76 -19.84 -6.40
N VAL A 273 -0.58 -21.14 -6.23
CA VAL A 273 0.71 -21.79 -6.37
C VAL A 273 1.30 -21.49 -7.78
N PRO A 274 0.52 -21.75 -8.83
CA PRO A 274 1.03 -21.48 -10.19
C PRO A 274 1.18 -20.00 -10.50
N PHE A 275 0.36 -19.19 -9.86
CA PHE A 275 0.46 -17.71 -9.96
C PHE A 275 1.86 -17.22 -9.48
N LYS A 276 2.21 -17.59 -8.24
CA LYS A 276 3.57 -17.35 -7.68
C LYS A 276 4.69 -17.95 -8.52
N GLU A 277 4.57 -19.23 -8.89
CA GLU A 277 5.56 -19.92 -9.76
C GLU A 277 5.82 -19.16 -11.06
N SER A 278 4.78 -18.57 -11.66
CA SER A 278 4.94 -17.85 -12.94
C SER A 278 5.74 -16.58 -12.80
N MET A 279 5.83 -16.04 -11.60
CA MET A 279 6.64 -14.81 -11.41
C MET A 279 8.18 -14.94 -11.42
N LYS A 280 8.71 -16.17 -11.38
CA LYS A 280 10.14 -16.36 -11.21
C LYS A 280 11.00 -15.57 -12.22
N PRO A 281 10.57 -15.49 -13.50
CA PRO A 281 11.41 -14.70 -14.41
C PRO A 281 11.44 -13.19 -14.11
N TYR A 282 10.39 -12.68 -13.48
CA TYR A 282 10.40 -11.25 -13.09
C TYR A 282 11.29 -11.02 -11.87
N TYR A 283 11.35 -12.01 -11.00
CA TYR A 283 12.23 -11.98 -9.82
C TYR A 283 13.65 -11.99 -10.24
N ALA A 284 13.96 -12.74 -11.32
CA ALA A 284 15.30 -12.82 -11.88
C ALA A 284 15.73 -11.47 -12.49
N GLU A 285 14.79 -10.87 -13.22
CA GLU A 285 14.92 -9.51 -13.73
C GLU A 285 15.01 -8.51 -12.58
N PHE A 286 14.28 -8.68 -11.48
CA PHE A 286 14.53 -7.83 -10.29
C PHE A 286 15.98 -7.98 -9.76
N VAL A 287 16.51 -9.19 -9.65
CA VAL A 287 17.87 -9.40 -9.10
C VAL A 287 18.95 -8.87 -10.05
N LYS A 288 18.70 -9.05 -11.34
CA LYS A 288 19.62 -8.63 -12.39
C LYS A 288 19.81 -7.13 -12.22
N GLN A 289 18.69 -6.44 -12.09
CA GLN A 289 18.64 -4.99 -12.08
C GLN A 289 19.06 -4.35 -10.73
N THR A 290 18.70 -4.96 -9.61
CA THR A 290 19.02 -4.39 -8.27
C THR A 290 20.25 -5.05 -7.59
N GLY A 291 20.76 -6.12 -8.17
CA GLY A 291 22.12 -6.60 -7.81
C GLY A 291 22.08 -7.48 -6.55
N GLN A 292 23.31 -7.73 -5.98
CA GLN A 292 23.49 -8.51 -4.72
C GLN A 292 22.55 -7.99 -3.60
N LYS A 293 22.45 -6.65 -3.50
CA LYS A 293 21.48 -6.00 -2.48
C LYS A 293 20.04 -6.46 -2.66
N GLY A 294 19.61 -6.64 -3.94
CA GLY A 294 18.20 -7.15 -4.17
C GLY A 294 17.99 -8.71 -4.05
N GLU A 295 19.02 -9.50 -4.46
CA GLU A 295 19.10 -10.97 -4.24
C GLU A 295 18.99 -11.18 -2.72
N SER A 296 19.81 -10.43 -1.99
CA SER A 296 19.79 -10.55 -0.51
C SER A 296 18.41 -10.28 0.11
N ALA A 297 17.71 -9.24 -0.36
CA ALA A 297 16.43 -8.81 0.22
C ALA A 297 15.41 -9.90 0.02
N LEU A 298 15.34 -10.44 -1.20
CA LEU A 298 14.41 -11.54 -1.55
C LEU A 298 14.60 -12.77 -0.68
N LYS A 299 15.85 -13.17 -0.47
CA LYS A 299 16.19 -14.39 0.27
C LYS A 299 15.80 -14.22 1.73
N GLN A 300 16.04 -13.01 2.25
CA GLN A 300 15.66 -12.70 3.61
C GLN A 300 14.13 -12.81 3.76
N ILE A 301 13.37 -12.37 2.76
CA ILE A 301 11.89 -12.31 2.88
C ILE A 301 11.22 -13.71 2.68
N GLU A 302 11.75 -14.54 1.79
CA GLU A 302 11.31 -15.95 1.73
C GLU A 302 11.93 -16.53 3.01
N ALA A 303 11.19 -17.26 3.81
CA ALA A 303 11.70 -17.71 5.12
C ALA A 303 11.61 -16.78 6.29
N ILE A 304 10.89 -15.67 6.26
CA ILE A 304 9.51 -15.53 6.71
C ILE A 304 8.44 -16.59 6.43
N ASN A 305 8.08 -17.33 7.48
CA ASN A 305 6.89 -18.19 7.44
C ASN A 305 5.61 -17.31 7.58
N PRO A 306 4.70 -17.35 6.56
CA PRO A 306 3.42 -16.59 6.53
C PRO A 306 2.42 -16.76 7.72
#